data_3DK6
#
_entry.id   3DK6
#
_cell.length_a   105.356
_cell.length_b   131.908
_cell.length_c   56.641
_cell.angle_alpha   90.000
_cell.angle_beta   90.000
_cell.angle_gamma   90.000
#
_symmetry.space_group_name_H-M   'P 21 21 2'
#
loop_
_entity.id
_entity.type
_entity.pdbx_description
1 polymer 'Proto-oncogene tyrosine-protein kinase ABL1'
2 non-polymer 2-amino-5-[3-(1-ethyl-1H-pyrazol-5-yl)-1H-pyrrolo[2,3-b]pyridin-5-yl]-N,N-dimethylbenzamide
3 water water
#
_entity_poly.entity_id   1
_entity_poly.type   'polypeptide(L)'
_entity_poly.pdbx_seq_one_letter_code
;MSLDKWEMERTDITMKHKLGGGQFGEVYEGVWKKYSLTVAVKTLKEDTMEVEEFLKEAAVMKEIKHPNLVQLLGVCTREP
PFYIITEFMTYGNLLDYLRECNRQEVSAVVLLYMATQISSAMEYLEKKNFIHRDLAARNCLVGENHLVKVADFGLSRLMT
GDT(PTR)TAHAGAKFPIKWTAPESLAYNKFSIKSDVWAFGVLLWEIATYGMSPYPGIDPSQVYELLEKDYRMERPEGCP
EKVYELMRACWQWNPSDRPSFAEIHQAFETMFQESSISDEVEKELGKRGEGHHHHHH
;
_entity_poly.pdbx_strand_id   A,B
#
loop_
_chem_comp.id
_chem_comp.type
_chem_comp.name
_chem_comp.formula
SX7 non-polymer 2-amino-5-[3-(1-ethyl-1H-pyrazol-5-yl)-1H-pyrrolo[2,3-b]pyridin-5-yl]-N,N-dimethylbenzamide 'C21 H22 N6 O'
#
# COMPACT_ATOMS: atom_id res chain seq x y z
N ASP A 4 14.39 20.46 -44.74
CA ASP A 4 15.51 21.03 -43.92
C ASP A 4 16.66 20.04 -43.75
N LYS A 5 17.62 20.40 -42.89
CA LYS A 5 18.78 19.55 -42.58
C LYS A 5 18.38 18.30 -41.80
N TRP A 6 17.16 18.29 -41.27
CA TRP A 6 16.65 17.17 -40.47
C TRP A 6 16.04 16.06 -41.33
N GLU A 7 15.52 16.42 -42.50
CA GLU A 7 14.79 15.48 -43.35
C GLU A 7 15.69 14.38 -43.90
N MET A 8 15.25 13.14 -43.67
CA MET A 8 16.02 11.95 -44.02
C MET A 8 15.26 11.03 -44.95
N GLU A 9 15.99 10.17 -45.65
CA GLU A 9 15.38 9.10 -46.42
C GLU A 9 15.05 7.93 -45.49
N ARG A 10 13.91 7.30 -45.72
CA ARG A 10 13.45 6.16 -44.93
C ARG A 10 14.42 4.98 -45.04
N THR A 11 15.01 4.83 -46.22
CA THR A 11 15.93 3.73 -46.52
C THR A 11 17.34 3.94 -45.95
N ASP A 12 17.59 5.10 -45.33
CA ASP A 12 18.84 5.35 -44.62
C ASP A 12 18.93 4.51 -43.34
N ILE A 13 17.77 4.11 -42.82
CA ILE A 13 17.68 3.34 -41.58
C ILE A 13 17.18 1.92 -41.86
N THR A 14 17.85 0.95 -41.24
CA THR A 14 17.35 -0.42 -41.17
C THR A 14 17.00 -0.73 -39.73
N MET A 15 15.82 -1.32 -39.52
CA MET A 15 15.34 -1.65 -38.17
C MET A 15 15.93 -2.97 -37.71
N LYS A 16 16.54 -2.95 -36.51
CA LYS A 16 17.15 -4.13 -35.91
C LYS A 16 16.16 -4.90 -35.04
N HIS A 17 15.79 -4.28 -33.92
CA HIS A 17 14.91 -4.90 -32.92
C HIS A 17 13.82 -3.94 -32.46
N LYS A 18 12.62 -4.46 -32.22
CA LYS A 18 11.55 -3.68 -31.60
C LYS A 18 11.82 -3.56 -30.10
N LEU A 19 11.69 -2.35 -29.56
CA LEU A 19 12.01 -2.08 -28.15
C LEU A 19 10.81 -2.24 -27.22
N GLY A 22 6.94 -3.43 -25.31
CA GLY A 22 6.77 -2.17 -26.04
C GLY A 22 5.99 -1.14 -25.25
N GLN A 23 6.58 -0.67 -24.15
CA GLN A 23 5.95 0.30 -23.26
C GLN A 23 5.92 1.72 -23.85
N PHE A 24 6.81 1.97 -24.80
CA PHE A 24 6.95 3.28 -25.42
C PHE A 24 6.15 3.43 -26.72
N GLY A 25 5.54 2.33 -27.16
CA GLY A 25 4.74 2.32 -28.38
C GLY A 25 5.48 1.69 -29.55
N GLU A 26 5.34 2.30 -30.73
CA GLU A 26 6.03 1.84 -31.93
C GLU A 26 7.45 2.41 -31.99
N VAL A 27 8.33 1.83 -31.18
CA VAL A 27 9.71 2.29 -31.04
C VAL A 27 10.69 1.14 -31.33
N TYR A 28 11.66 1.41 -32.20
CA TYR A 28 12.58 0.38 -32.66
C TYR A 28 14.04 0.77 -32.48
N GLU A 29 14.88 -0.23 -32.25
CA GLU A 29 16.32 -0.09 -32.40
C GLU A 29 16.61 -0.21 -33.89
N GLY A 30 17.40 0.73 -34.40
CA GLY A 30 17.74 0.76 -35.82
C GLY A 30 19.20 1.06 -36.07
N VAL A 31 19.60 0.97 -37.34
CA VAL A 31 20.97 1.30 -37.76
C VAL A 31 20.94 2.39 -38.81
N TRP A 32 21.62 3.50 -38.51
CA TRP A 32 21.93 4.50 -39.52
C TRP A 32 23.12 3.96 -40.32
N LYS A 33 22.81 3.31 -41.45
CA LYS A 33 23.79 2.52 -42.20
C LYS A 33 25.08 3.25 -42.57
N LYS A 34 24.95 4.49 -43.03
CA LYS A 34 26.08 5.33 -43.40
C LYS A 34 27.12 5.44 -42.27
N TYR A 35 26.65 5.63 -41.05
CA TYR A 35 27.51 5.85 -39.89
C TYR A 35 27.73 4.59 -39.03
N SER A 36 27.12 3.48 -39.44
CA SER A 36 27.13 2.24 -38.65
C SER A 36 26.61 2.47 -37.24
N LEU A 37 25.79 3.52 -37.09
CA LEU A 37 25.34 3.99 -35.78
C LEU A 37 24.00 3.37 -35.39
N THR A 38 23.97 2.77 -34.21
CA THR A 38 22.72 2.30 -33.60
C THR A 38 21.90 3.52 -33.17
N VAL A 39 20.64 3.54 -33.61
CA VAL A 39 19.73 4.65 -33.32
C VAL A 39 18.39 4.11 -32.78
N ALA A 40 17.59 5.01 -32.21
CA ALA A 40 16.22 4.69 -31.85
C ALA A 40 15.27 5.35 -32.86
N VAL A 41 14.23 4.63 -33.26
CA VAL A 41 13.29 5.12 -34.26
C VAL A 41 11.86 5.00 -33.76
N LYS A 42 11.18 6.14 -33.66
CA LYS A 42 9.75 6.16 -33.36
C LYS A 42 8.96 6.22 -34.66
N THR A 43 8.04 5.27 -34.81
CA THR A 43 7.20 5.18 -36.00
C THR A 43 5.74 5.39 -35.64
N LEU A 44 4.91 5.68 -36.63
CA LEU A 44 3.48 5.86 -36.44
C LEU A 44 2.69 4.79 -37.20
N GLU A 50 -2.33 10.61 -33.30
CA GLU A 50 -2.56 10.67 -34.74
C GLU A 50 -1.42 11.35 -35.51
N VAL A 51 -1.60 11.51 -36.81
CA VAL A 51 -0.58 12.06 -37.72
C VAL A 51 -0.09 13.45 -37.32
N GLU A 52 -1.01 14.39 -37.13
CA GLU A 52 -0.65 15.79 -36.86
C GLU A 52 0.05 15.97 -35.51
N GLU A 53 -0.33 15.18 -34.53
CA GLU A 53 0.30 15.18 -33.20
C GLU A 53 1.74 14.67 -33.29
N PHE A 54 1.93 13.61 -34.07
CA PHE A 54 3.25 13.00 -34.31
C PHE A 54 4.19 13.96 -35.02
N LEU A 55 3.68 14.66 -36.04
CA LEU A 55 4.48 15.60 -36.82
C LEU A 55 4.89 16.83 -36.00
N LYS A 56 4.02 17.23 -35.07
CA LYS A 56 4.33 18.32 -34.14
C LYS A 56 5.43 17.91 -33.16
N GLU A 57 5.37 16.67 -32.67
CA GLU A 57 6.43 16.10 -31.84
C GLU A 57 7.79 16.30 -32.49
N ALA A 58 7.87 15.94 -33.78
CA ALA A 58 9.09 16.05 -34.57
C ALA A 58 9.55 17.50 -34.71
N ALA A 59 8.61 18.42 -34.88
CA ALA A 59 8.89 19.84 -35.02
C ALA A 59 9.49 20.44 -33.74
N VAL A 60 8.92 20.08 -32.60
CA VAL A 60 9.39 20.52 -31.29
C VAL A 60 10.81 20.01 -31.00
N MET A 61 11.05 18.75 -31.32
CA MET A 61 12.34 18.11 -31.05
C MET A 61 13.51 18.74 -31.81
N LYS A 62 13.23 19.34 -32.96
CA LYS A 62 14.22 20.06 -33.75
C LYS A 62 14.80 21.25 -32.99
N GLU A 63 14.04 21.77 -32.03
CA GLU A 63 14.44 22.96 -31.27
C GLU A 63 15.11 22.62 -29.94
N ILE A 64 15.17 21.33 -29.61
CA ILE A 64 15.75 20.88 -28.35
C ILE A 64 17.23 20.53 -28.50
N LYS A 65 18.07 21.19 -27.71
CA LYS A 65 19.52 20.96 -27.73
C LYS A 65 20.11 21.09 -26.33
N HIS A 66 20.20 19.96 -25.63
CA HIS A 66 20.73 19.91 -24.27
C HIS A 66 21.37 18.55 -24.01
N PRO A 67 22.51 18.52 -23.30
CA PRO A 67 23.19 17.24 -23.04
C PRO A 67 22.35 16.20 -22.31
N ASN A 68 21.30 16.64 -21.63
CA ASN A 68 20.47 15.74 -20.82
C ASN A 68 19.03 15.59 -21.31
N LEU A 69 18.82 15.95 -22.58
CA LEU A 69 17.59 15.64 -23.28
C LEU A 69 17.97 14.83 -24.51
N VAL A 70 17.24 13.75 -24.76
CA VAL A 70 17.52 12.85 -25.88
C VAL A 70 17.60 13.63 -27.20
N GLN A 71 18.73 13.50 -27.89
CA GLN A 71 18.99 14.29 -29.09
C GLN A 71 18.35 13.71 -30.34
N LEU A 72 17.59 14.54 -31.05
CA LEU A 72 17.06 14.21 -32.37
C LEU A 72 18.20 14.10 -33.38
N LEU A 73 18.13 13.10 -34.25
CA LEU A 73 19.14 12.90 -35.29
C LEU A 73 18.58 13.13 -36.70
N GLY A 74 17.29 12.88 -36.87
CA GLY A 74 16.63 13.08 -38.15
C GLY A 74 15.16 12.69 -38.16
N VAL A 75 14.46 13.11 -39.20
CA VAL A 75 13.02 12.83 -39.34
C VAL A 75 12.66 12.41 -40.77
N CYS A 76 11.65 11.55 -40.88
CA CYS A 76 11.06 11.21 -42.18
C CYS A 76 9.60 11.63 -42.15
N THR A 77 9.32 12.80 -42.72
CA THR A 77 8.00 13.44 -42.58
C THR A 77 7.32 13.78 -43.92
N ARG A 78 7.97 13.42 -45.02
CA ARG A 78 7.44 13.72 -46.36
C ARG A 78 6.26 12.83 -46.75
N GLU A 79 6.40 11.53 -46.51
CA GLU A 79 5.35 10.55 -46.80
C GLU A 79 5.34 9.42 -45.77
N PRO A 80 4.17 8.80 -45.51
CA PRO A 80 4.07 7.66 -44.58
C PRO A 80 4.85 6.44 -45.08
N PRO A 81 5.37 5.60 -44.15
CA PRO A 81 5.33 5.75 -42.69
C PRO A 81 6.35 6.76 -42.18
N PHE A 82 5.96 7.51 -41.14
CA PHE A 82 6.78 8.59 -40.61
C PHE A 82 7.75 8.10 -39.53
N TYR A 83 8.98 8.64 -39.55
CA TYR A 83 10.01 8.30 -38.58
C TYR A 83 10.45 9.52 -37.77
N ILE A 84 10.71 9.29 -36.48
CA ILE A 84 11.50 10.21 -35.67
C ILE A 84 12.72 9.42 -35.21
N ILE A 85 13.90 9.89 -35.59
CA ILE A 85 15.15 9.17 -35.32
C ILE A 85 15.98 9.92 -34.28
N THR A 86 16.30 9.22 -33.19
CA THR A 86 17.06 9.82 -32.09
C THR A 86 18.26 8.95 -31.73
N GLU A 87 19.13 9.48 -30.87
CA GLU A 87 20.22 8.69 -30.30
C GLU A 87 19.70 7.51 -29.50
N PHE A 88 20.51 6.46 -29.41
CA PHE A 88 20.16 5.27 -28.67
C PHE A 88 20.83 5.30 -27.29
N MET A 89 20.03 5.11 -26.25
CA MET A 89 20.51 5.08 -24.88
C MET A 89 20.62 3.63 -24.45
N THR A 90 21.86 3.15 -24.35
CA THR A 90 22.17 1.72 -24.24
C THR A 90 21.51 0.98 -23.08
N TYR A 91 21.35 1.63 -21.93
CA TYR A 91 20.84 0.95 -20.73
C TYR A 91 19.33 1.06 -20.49
N GLY A 92 18.62 1.69 -21.42
CA GLY A 92 17.16 1.77 -21.34
C GLY A 92 16.65 2.72 -20.28
N ASN A 93 15.45 2.49 -19.77
CA ASN A 93 14.82 3.41 -18.83
C ASN A 93 15.44 3.39 -17.43
N LEU A 94 15.39 4.54 -16.76
CA LEU A 94 16.03 4.72 -15.45
C LEU A 94 15.40 3.89 -14.33
N LEU A 95 14.09 3.68 -14.40
CA LEU A 95 13.38 2.89 -13.41
C LEU A 95 13.93 1.46 -13.30
N ASP A 96 13.97 0.76 -14.43
CA ASP A 96 14.53 -0.59 -14.48
C ASP A 96 16.02 -0.61 -14.19
N TYR A 97 16.73 0.44 -14.63
CA TYR A 97 18.15 0.59 -14.34
C TYR A 97 18.42 0.63 -12.84
N LEU A 98 17.63 1.41 -12.10
CA LEU A 98 17.78 1.54 -10.66
C LEU A 98 17.42 0.26 -9.91
N ARG A 99 16.38 -0.42 -10.38
CA ARG A 99 15.94 -1.67 -9.77
C ARG A 99 16.96 -2.80 -9.92
N GLU A 100 17.67 -2.79 -11.04
CA GLU A 100 18.56 -3.89 -11.40
C GLU A 100 20.05 -3.63 -11.14
N CYS A 101 20.38 -2.41 -10.70
CA CYS A 101 21.76 -1.97 -10.59
C CYS A 101 22.55 -2.63 -9.47
N ASN A 102 23.87 -2.53 -9.57
CA ASN A 102 24.80 -2.79 -8.47
C ASN A 102 24.85 -1.52 -7.63
N ARG A 103 24.28 -1.58 -6.43
CA ARG A 103 24.16 -0.40 -5.55
C ARG A 103 25.49 0.11 -5.02
N GLN A 104 26.51 -0.74 -5.03
CA GLN A 104 27.87 -0.30 -4.67
C GLN A 104 28.48 0.56 -5.78
N GLU A 105 28.09 0.28 -7.02
CA GLU A 105 28.48 1.11 -8.17
C GLU A 105 27.59 2.35 -8.25
N VAL A 106 26.28 2.13 -8.25
CA VAL A 106 25.31 3.23 -8.29
C VAL A 106 25.07 3.70 -6.85
N SER A 107 26.05 4.46 -6.36
CA SER A 107 26.10 4.89 -4.96
C SER A 107 25.36 6.21 -4.76
N ALA A 108 25.39 6.71 -3.52
CA ALA A 108 24.73 7.97 -3.15
C ALA A 108 25.17 9.15 -4.02
N VAL A 109 26.47 9.24 -4.31
CA VAL A 109 27.01 10.31 -5.16
C VAL A 109 26.52 10.18 -6.60
N VAL A 110 26.34 8.95 -7.06
CA VAL A 110 25.79 8.68 -8.39
C VAL A 110 24.31 9.11 -8.45
N LEU A 111 23.58 8.83 -7.37
CA LEU A 111 22.18 9.26 -7.26
C LEU A 111 22.04 10.78 -7.34
N LEU A 112 22.94 11.50 -6.69
CA LEU A 112 23.00 12.97 -6.78
C LEU A 112 23.34 13.42 -8.19
N TYR A 113 24.27 12.71 -8.83
CA TYR A 113 24.70 13.00 -10.19
C TYR A 113 23.54 12.91 -11.17
N MET A 114 22.72 11.87 -11.03
CA MET A 114 21.57 11.66 -11.89
C MET A 114 20.47 12.71 -11.67
N ALA A 115 20.23 13.06 -10.40
CA ALA A 115 19.28 14.12 -10.05
C ALA A 115 19.74 15.48 -10.60
N THR A 116 21.05 15.71 -10.55
CA THR A 116 21.66 16.93 -11.09
C THR A 116 21.46 17.02 -12.60
N GLN A 117 21.63 15.89 -13.29
CA GLN A 117 21.45 15.81 -14.74
C GLN A 117 20.00 16.07 -15.17
N ILE A 118 19.06 15.43 -14.48
CA ILE A 118 17.63 15.59 -14.77
C ILE A 118 17.17 17.03 -14.53
N SER A 119 17.58 17.60 -13.39
CA SER A 119 17.21 18.98 -13.05
C SER A 119 17.80 19.99 -14.03
N SER A 120 18.97 19.67 -14.58
CA SER A 120 19.60 20.49 -15.62
C SER A 120 18.73 20.56 -16.87
N ALA A 121 18.23 19.40 -17.30
CA ALA A 121 17.36 19.29 -18.46
C ALA A 121 16.04 20.05 -18.23
N MET A 122 15.54 19.97 -17.01
CA MET A 122 14.29 20.62 -16.65
C MET A 122 14.43 22.14 -16.50
N GLU A 123 15.60 22.58 -16.04
CA GLU A 123 15.94 24.01 -16.01
C GLU A 123 15.97 24.56 -17.43
N TYR A 124 16.49 23.77 -18.36
CA TYR A 124 16.51 24.12 -19.78
C TYR A 124 15.09 24.27 -20.35
N LEU A 125 14.22 23.31 -20.05
CA LEU A 125 12.82 23.37 -20.50
C LEU A 125 12.08 24.57 -19.91
N GLU A 126 12.34 24.84 -18.64
CA GLU A 126 11.81 26.01 -17.94
C GLU A 126 12.29 27.30 -18.62
N LYS A 127 13.56 27.36 -18.97
CA LYS A 127 14.14 28.50 -19.67
C LYS A 127 13.57 28.68 -21.09
N LYS A 128 13.33 27.55 -21.76
CA LYS A 128 12.93 27.58 -23.18
C LYS A 128 11.42 27.46 -23.41
N ASN A 129 10.64 27.66 -22.35
CA ASN A 129 9.18 27.64 -22.43
C ASN A 129 8.61 26.32 -22.96
N PHE A 130 9.13 25.21 -22.43
CA PHE A 130 8.59 23.90 -22.72
C PHE A 130 8.06 23.25 -21.45
N ILE A 131 7.08 22.37 -21.61
CA ILE A 131 6.53 21.60 -20.51
C ILE A 131 6.57 20.11 -20.86
N HIS A 132 6.88 19.26 -19.87
CA HIS A 132 7.04 17.82 -20.09
C HIS A 132 5.73 17.06 -19.87
N ARG A 133 5.15 17.22 -18.68
CA ARG A 133 3.85 16.64 -18.30
C ARG A 133 3.81 15.13 -18.03
N ASP A 134 4.97 14.46 -18.12
CA ASP A 134 5.05 13.03 -17.82
C ASP A 134 6.41 12.64 -17.23
N LEU A 135 6.88 13.46 -16.30
CA LEU A 135 8.18 13.22 -15.67
C LEU A 135 8.07 12.10 -14.64
N ALA A 136 8.89 11.07 -14.85
CA ALA A 136 8.96 9.87 -14.02
C ALA A 136 10.24 9.12 -14.40
N ALA A 137 10.67 8.19 -13.55
CA ALA A 137 11.87 7.38 -13.83
C ALA A 137 11.76 6.53 -15.10
N ARG A 138 10.56 6.07 -15.40
CA ARG A 138 10.28 5.29 -16.63
C ARG A 138 10.51 6.11 -17.90
N ASN A 139 10.44 7.44 -17.77
CA ASN A 139 10.64 8.36 -18.89
C ASN A 139 11.98 9.09 -18.86
N CYS A 140 12.94 8.50 -18.17
CA CYS A 140 14.34 8.92 -18.24
C CYS A 140 15.13 7.75 -18.78
N LEU A 141 16.16 8.04 -19.57
CA LEU A 141 16.93 7.01 -20.24
C LEU A 141 18.40 7.07 -19.84
N VAL A 142 19.04 5.90 -19.75
CA VAL A 142 20.40 5.80 -19.21
C VAL A 142 21.41 5.35 -20.27
N GLY A 143 22.51 6.08 -20.37
CA GLY A 143 23.63 5.68 -21.22
C GLY A 143 24.81 5.21 -20.36
N GLU A 144 25.97 5.06 -20.99
CA GLU A 144 27.18 4.65 -20.26
C GLU A 144 27.58 5.68 -19.22
N ASN A 145 28.20 5.21 -18.14
CA ASN A 145 28.76 6.07 -17.10
C ASN A 145 27.73 6.96 -16.39
N HIS A 146 26.56 6.37 -16.16
CA HIS A 146 25.46 6.99 -15.41
C HIS A 146 24.95 8.29 -16.05
N LEU A 147 25.11 8.40 -17.37
CA LEU A 147 24.52 9.47 -18.14
C LEU A 147 23.01 9.28 -18.18
N VAL A 148 22.28 10.32 -17.76
CA VAL A 148 20.82 10.26 -17.76
C VAL A 148 20.25 11.38 -18.62
N LYS A 149 19.32 11.01 -19.49
CA LYS A 149 18.62 11.96 -20.35
C LYS A 149 17.12 11.81 -20.23
N VAL A 150 16.42 12.94 -20.18
CA VAL A 150 14.95 12.95 -20.12
C VAL A 150 14.38 12.69 -21.52
N ALA A 151 13.47 11.72 -21.62
CA ALA A 151 12.75 11.44 -22.85
C ALA A 151 11.94 12.68 -23.23
N ASP A 152 12.08 13.14 -24.47
CA ASP A 152 11.57 14.45 -24.88
C ASP A 152 10.68 14.42 -26.13
N PHE A 153 10.04 13.28 -26.34
CA PHE A 153 9.28 13.05 -27.56
C PHE A 153 7.87 13.65 -27.46
N GLY A 154 7.41 13.86 -26.24
CA GLY A 154 6.07 14.42 -26.00
C GLY A 154 6.06 15.80 -25.39
N LEU A 155 7.12 16.58 -25.64
CA LEU A 155 7.23 17.94 -25.11
C LEU A 155 6.24 18.89 -25.79
N SER A 156 5.79 19.89 -25.06
CA SER A 156 4.82 20.85 -25.57
C SER A 156 5.29 22.28 -25.37
N ARG A 157 4.85 23.17 -26.25
CA ARG A 157 5.15 24.59 -26.13
C ARG A 157 4.18 25.23 -25.14
N LEU A 158 4.73 25.90 -24.13
CA LEU A 158 3.94 26.62 -23.13
C LEU A 158 4.82 27.61 -22.41
N MET A 159 4.48 28.90 -22.53
CA MET A 159 5.21 29.95 -21.84
C MET A 159 5.27 29.62 -20.35
N THR A 160 6.49 29.66 -19.80
CA THR A 160 6.73 29.33 -18.40
C THR A 160 5.90 30.24 -17.50
N GLY A 161 4.99 29.64 -16.73
CA GLY A 161 4.04 30.38 -15.91
C GLY A 161 2.60 30.20 -16.38
N ASP A 162 2.42 30.00 -17.68
CA ASP A 162 1.10 29.71 -18.25
C ASP A 162 0.64 28.30 -17.93
N THR A 163 -0.66 28.04 -18.11
CA THR A 163 -1.25 26.75 -17.79
C THR A 163 -1.87 26.06 -19.01
N PTR A 164 -1.95 24.73 -18.94
CA PTR A 164 -2.64 23.91 -19.92
C PTR A 164 -3.83 23.22 -19.26
O PTR A 164 -3.72 22.74 -18.13
CB PTR A 164 -1.70 22.83 -20.51
CG PTR A 164 -2.42 21.76 -21.31
CD1 PTR A 164 -3.05 22.08 -22.52
CD2 PTR A 164 -2.50 20.45 -20.87
CE1 PTR A 164 -3.72 21.11 -23.26
CE2 PTR A 164 -3.18 19.48 -21.59
CZ PTR A 164 -3.78 19.81 -22.80
OH PTR A 164 -4.41 19.00 -23.48
P PTR A 164 -4.10 17.43 -23.67
O1P PTR A 164 -4.77 17.00 -24.91
O2P PTR A 164 -4.66 16.63 -22.48
O3P PTR A 164 -2.59 17.18 -23.80
N THR A 165 -4.97 23.18 -19.95
CA THR A 165 -6.13 22.43 -19.48
C THR A 165 -6.31 21.16 -20.31
N ALA A 166 -6.18 20.01 -19.66
CA ALA A 166 -6.26 18.71 -20.33
C ALA A 166 -7.63 18.43 -20.95
N HIS A 167 -7.64 17.63 -22.01
CA HIS A 167 -8.88 17.24 -22.68
C HIS A 167 -9.80 16.47 -21.72
N ALA A 168 -11.10 16.58 -21.94
CA ALA A 168 -12.10 15.91 -21.11
C ALA A 168 -11.93 14.39 -21.16
N GLY A 169 -11.97 13.77 -19.99
CA GLY A 169 -11.81 12.32 -19.86
C GLY A 169 -10.35 11.87 -19.93
N ALA A 170 -9.43 12.78 -19.64
CA ALA A 170 -8.00 12.47 -19.65
C ALA A 170 -7.61 11.66 -18.41
N LYS A 171 -6.73 10.69 -18.63
CA LYS A 171 -6.24 9.82 -17.56
C LYS A 171 -4.77 10.12 -17.28
N PHE A 172 -4.43 10.23 -16.00
CA PHE A 172 -3.07 10.57 -15.59
C PHE A 172 -2.43 9.45 -14.76
N PRO A 173 -1.07 9.37 -14.77
CA PRO A 173 -0.38 8.58 -13.76
C PRO A 173 -0.50 9.28 -12.40
N ILE A 174 -1.55 8.90 -11.67
CA ILE A 174 -2.00 9.62 -10.47
C ILE A 174 -0.89 9.97 -9.46
N LYS A 175 -0.03 9.00 -9.17
CA LYS A 175 1.00 9.17 -8.13
C LYS A 175 2.16 10.11 -8.51
N TRP A 176 2.21 10.53 -9.76
CA TRP A 176 3.18 11.52 -10.23
C TRP A 176 2.51 12.87 -10.52
N THR A 177 1.19 12.90 -10.37
CA THR A 177 0.39 14.01 -10.84
C THR A 177 0.08 15.02 -9.73
N ALA A 178 0.39 16.30 -9.99
CA ALA A 178 0.13 17.39 -9.04
C ALA A 178 -1.37 17.50 -8.72
N PRO A 179 -1.71 17.93 -7.49
CA PRO A 179 -3.12 18.03 -7.07
C PRO A 179 -3.99 18.94 -7.95
N GLU A 180 -3.44 20.04 -8.46
CA GLU A 180 -4.19 20.93 -9.35
C GLU A 180 -4.51 20.27 -10.70
N SER A 181 -3.66 19.32 -11.10
CA SER A 181 -3.89 18.54 -12.30
C SER A 181 -4.94 17.46 -12.06
N LEU A 182 -4.89 16.84 -10.89
CA LEU A 182 -5.84 15.79 -10.51
C LEU A 182 -7.27 16.30 -10.36
N ALA A 183 -7.41 17.53 -9.85
CA ALA A 183 -8.71 18.10 -9.54
C ALA A 183 -9.27 18.98 -10.65
N TYR A 184 -8.40 19.75 -11.31
CA TYR A 184 -8.83 20.75 -12.30
C TYR A 184 -8.30 20.54 -13.71
N ASN A 185 -7.57 19.43 -13.92
CA ASN A 185 -6.91 19.13 -15.20
C ASN A 185 -5.91 20.20 -15.65
N LYS A 186 -5.37 20.95 -14.68
CA LYS A 186 -4.46 22.05 -14.97
C LYS A 186 -2.99 21.66 -14.84
N PHE A 187 -2.21 21.98 -15.87
CA PHE A 187 -0.79 21.65 -15.91
C PHE A 187 0.05 22.90 -16.18
N SER A 188 1.21 22.98 -15.55
CA SER A 188 2.17 24.05 -15.76
C SER A 188 3.57 23.55 -15.42
N ILE A 189 4.57 24.42 -15.51
CA ILE A 189 5.93 24.07 -15.13
C ILE A 189 5.99 23.60 -13.67
N LYS A 190 5.07 24.11 -12.85
CA LYS A 190 4.98 23.76 -11.42
C LYS A 190 4.43 22.36 -11.17
N SER A 191 3.62 21.85 -12.09
CA SER A 191 3.19 20.45 -12.02
C SER A 191 4.31 19.51 -12.46
N ASP A 192 5.21 20.01 -13.32
CA ASP A 192 6.45 19.29 -13.63
C ASP A 192 7.36 19.25 -12.40
N VAL A 193 7.41 20.35 -11.65
CA VAL A 193 8.18 20.41 -10.40
C VAL A 193 7.68 19.36 -9.39
N TRP A 194 6.36 19.23 -9.30
CA TRP A 194 5.74 18.20 -8.45
C TRP A 194 6.19 16.80 -8.86
N ALA A 195 6.05 16.50 -10.15
CA ALA A 195 6.44 15.20 -10.70
C ALA A 195 7.92 14.90 -10.47
N PHE A 196 8.77 15.92 -10.60
CA PHE A 196 10.20 15.81 -10.31
C PHE A 196 10.46 15.38 -8.87
N GLY A 197 9.66 15.88 -7.94
CA GLY A 197 9.73 15.49 -6.54
C GLY A 197 9.48 14.00 -6.36
N VAL A 198 8.49 13.49 -7.06
CA VAL A 198 8.18 12.06 -7.07
C VAL A 198 9.32 11.27 -7.72
N LEU A 199 9.88 11.80 -8.81
CA LEU A 199 11.06 11.23 -9.47
C LEU A 199 12.26 11.15 -8.51
N LEU A 200 12.48 12.19 -7.72
CA LEU A 200 13.53 12.19 -6.69
C LEU A 200 13.37 11.03 -5.72
N TRP A 201 12.12 10.80 -5.32
CA TRP A 201 11.77 9.71 -4.40
C TRP A 201 12.03 8.36 -5.06
N GLU A 202 11.70 8.23 -6.35
CA GLU A 202 12.01 7.01 -7.11
C GLU A 202 13.51 6.72 -7.12
N ILE A 203 14.32 7.77 -7.29
CA ILE A 203 15.78 7.65 -7.33
C ILE A 203 16.33 7.25 -5.96
N ALA A 204 15.87 7.93 -4.91
CA ALA A 204 16.32 7.69 -3.54
C ALA A 204 16.01 6.27 -3.06
N THR A 205 14.96 5.66 -3.62
CA THR A 205 14.54 4.30 -3.25
C THR A 205 14.99 3.23 -4.26
N TYR A 206 15.79 3.65 -5.25
CA TYR A 206 16.24 2.75 -6.32
C TYR A 206 15.05 2.09 -7.06
N GLY A 207 14.01 2.89 -7.31
CA GLY A 207 12.89 2.45 -8.14
C GLY A 207 11.72 1.77 -7.46
N MET A 208 11.45 2.13 -6.20
CA MET A 208 10.21 1.71 -5.54
C MET A 208 9.02 2.45 -6.14
N SER A 209 7.86 1.80 -6.15
CA SER A 209 6.61 2.42 -6.55
C SER A 209 6.16 3.41 -5.48
N PRO A 210 5.84 4.65 -5.88
CA PRO A 210 5.44 5.70 -4.93
C PRO A 210 4.14 5.37 -4.20
N TYR A 211 3.95 5.99 -3.03
CA TYR A 211 2.81 5.71 -2.16
C TYR A 211 2.49 4.21 -2.12
N PRO A 212 3.45 3.38 -1.65
CA PRO A 212 3.27 1.93 -1.74
C PRO A 212 2.04 1.44 -0.97
N GLY A 213 1.24 0.61 -1.62
CA GLY A 213 0.04 0.03 -1.03
C GLY A 213 -1.21 0.90 -1.09
N ILE A 214 -1.02 2.18 -1.37
CA ILE A 214 -2.14 3.11 -1.44
C ILE A 214 -2.71 3.10 -2.85
N ASP A 215 -4.00 2.80 -2.98
CA ASP A 215 -4.67 2.80 -4.29
C ASP A 215 -4.76 4.22 -4.81
N PRO A 216 -4.45 4.43 -6.10
CA PRO A 216 -4.45 5.75 -6.74
C PRO A 216 -5.69 6.62 -6.47
N SER A 217 -6.86 5.99 -6.42
CA SER A 217 -8.13 6.71 -6.23
C SER A 217 -8.28 7.39 -4.86
N GLN A 218 -7.32 7.12 -3.97
CA GLN A 218 -7.36 7.66 -2.60
C GLN A 218 -6.22 8.64 -2.32
N VAL A 219 -5.35 8.83 -3.30
CA VAL A 219 -4.16 9.68 -3.16
C VAL A 219 -4.50 11.18 -3.01
N TYR A 220 -5.41 11.68 -3.83
CA TYR A 220 -5.79 13.10 -3.80
C TYR A 220 -6.30 13.57 -2.44
N GLU A 221 -7.17 12.77 -1.83
CA GLU A 221 -7.73 13.07 -0.52
C GLU A 221 -6.64 13.18 0.54
N LEU A 222 -5.65 12.28 0.46
CA LEU A 222 -4.48 12.32 1.36
C LEU A 222 -3.65 13.58 1.16
N LEU A 223 -3.37 13.93 -0.10
CA LEU A 223 -2.60 15.13 -0.42
C LEU A 223 -3.26 16.40 0.12
N GLU A 224 -4.59 16.44 0.07
CA GLU A 224 -5.38 17.52 0.67
C GLU A 224 -5.09 17.65 2.17
N LYS A 225 -5.12 16.51 2.86
CA LYS A 225 -4.92 16.45 4.31
C LYS A 225 -3.46 16.67 4.72
N ASP A 226 -2.64 17.02 3.75
CA ASP A 226 -1.19 17.27 3.93
C ASP A 226 -0.38 15.99 4.20
N TYR A 227 -0.88 14.85 3.71
CA TYR A 227 -0.07 13.64 3.71
C TYR A 227 0.93 13.69 2.56
N ARG A 228 2.18 13.40 2.87
CA ARG A 228 3.23 13.23 1.88
C ARG A 228 4.02 11.97 2.22
N MET A 229 4.70 11.41 1.22
CA MET A 229 5.58 10.26 1.45
C MET A 229 6.68 10.61 2.44
N GLU A 230 7.02 9.65 3.29
CA GLU A 230 8.06 9.84 4.30
C GLU A 230 9.45 9.77 3.68
N ARG A 231 10.44 10.29 4.40
CA ARG A 231 11.83 10.25 3.95
C ARG A 231 12.30 8.80 3.76
N PRO A 232 12.77 8.47 2.55
CA PRO A 232 13.29 7.15 2.26
C PRO A 232 14.53 6.83 3.10
N GLU A 233 14.74 5.54 3.36
CA GLU A 233 15.90 5.06 4.10
C GLU A 233 17.18 5.48 3.38
N GLY A 234 18.08 6.14 4.11
CA GLY A 234 19.37 6.54 3.57
C GLY A 234 19.38 7.85 2.79
N CYS A 235 18.20 8.42 2.57
CA CYS A 235 18.08 9.70 1.86
C CYS A 235 18.50 10.86 2.77
N PRO A 236 19.41 11.73 2.28
CA PRO A 236 19.84 12.89 3.06
C PRO A 236 18.69 13.87 3.30
N GLU A 237 18.70 14.51 4.46
CA GLU A 237 17.65 15.46 4.84
C GLU A 237 17.51 16.60 3.84
N LYS A 238 18.64 17.11 3.33
CA LYS A 238 18.65 18.17 2.33
C LYS A 238 17.88 17.78 1.06
N VAL A 239 18.02 16.52 0.65
CA VAL A 239 17.36 16.00 -0.54
C VAL A 239 15.85 15.84 -0.29
N TYR A 240 15.49 15.34 0.89
CA TYR A 240 14.09 15.19 1.27
C TYR A 240 13.37 16.54 1.44
N GLU A 241 14.09 17.55 1.92
CA GLU A 241 13.55 18.90 2.04
C GLU A 241 13.20 19.47 0.66
N LEU A 242 14.04 19.16 -0.33
CA LEU A 242 13.75 19.52 -1.72
C LEU A 242 12.53 18.80 -2.25
N MET A 243 12.43 17.49 -1.96
CA MET A 243 11.25 16.70 -2.31
C MET A 243 9.99 17.36 -1.79
N ARG A 244 10.00 17.73 -0.51
CA ARG A 244 8.84 18.30 0.16
C ARG A 244 8.48 19.69 -0.36
N ALA A 245 9.51 20.46 -0.74
CA ALA A 245 9.32 21.76 -1.39
C ALA A 245 8.64 21.60 -2.75
N CYS A 246 8.98 20.53 -3.47
CA CYS A 246 8.34 20.19 -4.74
C CYS A 246 6.87 19.79 -4.54
N TRP A 247 6.55 19.25 -3.36
CA TRP A 247 5.19 18.80 -3.06
C TRP A 247 4.34 19.82 -2.28
N GLN A 248 4.70 21.10 -2.34
CA GLN A 248 3.88 22.17 -1.77
C GLN A 248 2.53 22.19 -2.50
N TRP A 249 1.45 22.33 -1.73
CA TRP A 249 0.09 22.33 -2.29
C TRP A 249 -0.10 23.43 -3.34
N ASN A 250 0.32 24.64 -3.01
CA ASN A 250 0.21 25.79 -3.90
C ASN A 250 1.36 25.76 -4.92
N PRO A 251 1.03 25.65 -6.22
CA PRO A 251 2.04 25.60 -7.29
C PRO A 251 3.09 26.70 -7.18
N SER A 252 2.67 27.91 -6.83
CA SER A 252 3.58 29.06 -6.74
C SER A 252 4.58 28.97 -5.58
N ASP A 253 4.30 28.11 -4.60
CA ASP A 253 5.19 27.90 -3.46
C ASP A 253 6.33 26.91 -3.76
N ARG A 254 6.16 26.14 -4.83
CA ARG A 254 7.18 25.17 -5.25
C ARG A 254 8.36 25.89 -5.88
N PRO A 255 9.59 25.36 -5.68
CA PRO A 255 10.77 25.99 -6.27
C PRO A 255 10.81 25.87 -7.79
N SER A 256 11.59 26.73 -8.44
CA SER A 256 11.82 26.62 -9.87
C SER A 256 12.90 25.56 -10.10
N PHE A 257 13.00 25.06 -11.33
CA PHE A 257 14.03 24.08 -11.67
C PHE A 257 15.44 24.69 -11.64
N ALA A 258 15.52 26.00 -11.88
CA ALA A 258 16.76 26.75 -11.74
C ALA A 258 17.29 26.66 -10.31
N GLU A 259 16.39 26.87 -9.35
CA GLU A 259 16.70 26.75 -7.92
C GLU A 259 17.06 25.31 -7.54
N ILE A 260 16.29 24.36 -8.05
CA ILE A 260 16.51 22.94 -7.80
C ILE A 260 17.86 22.46 -8.35
N HIS A 261 18.18 22.85 -9.58
CA HIS A 261 19.45 22.47 -10.21
C HIS A 261 20.66 23.03 -9.48
N GLN A 262 20.57 24.29 -9.03
CA GLN A 262 21.64 24.92 -8.26
C GLN A 262 21.90 24.17 -6.95
N ALA A 263 20.81 23.77 -6.28
CA ALA A 263 20.90 23.00 -5.04
C ALA A 263 21.59 21.65 -5.24
N PHE A 264 21.21 20.93 -6.29
CA PHE A 264 21.80 19.62 -6.59
C PHE A 264 23.25 19.69 -7.07
N GLU A 265 23.55 20.69 -7.90
CA GLU A 265 24.92 20.92 -8.38
C GLU A 265 25.87 21.18 -7.22
N THR A 266 25.41 21.96 -6.24
CA THR A 266 26.18 22.24 -5.03
C THR A 266 26.38 20.98 -4.19
N MET A 267 25.32 20.20 -4.01
CA MET A 267 25.39 18.94 -3.27
C MET A 267 26.31 17.92 -3.96
N PHE A 268 26.24 17.86 -5.28
CA PHE A 268 27.08 16.95 -6.05
C PHE A 268 28.56 17.32 -5.99
N GLN A 269 28.84 18.61 -6.10
CA GLN A 269 30.21 19.13 -6.01
C GLN A 269 30.82 18.91 -4.61
N GLU A 270 29.99 19.06 -3.58
CA GLU A 270 30.41 18.85 -2.19
C GLU A 270 30.65 17.38 -1.88
N SER A 271 29.80 16.51 -2.43
CA SER A 271 29.92 15.06 -2.24
C SER A 271 31.16 14.50 -2.94
N SER A 272 31.53 15.12 -4.06
CA SER A 272 32.75 14.76 -4.79
C SER A 272 34.00 15.17 -4.02
N ILE A 273 33.92 16.28 -3.31
CA ILE A 273 35.01 16.77 -2.48
C ILE A 273 34.84 16.30 -1.04
N LYS B 5 -13.59 -26.91 41.97
CA LYS B 5 -14.74 -27.23 41.08
C LYS B 5 -14.29 -27.46 39.63
N TRP B 6 -13.38 -26.60 39.16
CA TRP B 6 -12.82 -26.72 37.81
C TRP B 6 -11.53 -27.56 37.79
N GLU B 7 -11.06 -27.91 38.97
CA GLU B 7 -9.81 -28.66 39.13
C GLU B 7 -9.90 -30.10 38.62
N MET B 8 -8.88 -30.52 37.89
CA MET B 8 -8.77 -31.87 37.36
C MET B 8 -7.38 -32.46 37.62
N GLU B 9 -7.27 -33.78 37.52
CA GLU B 9 -5.99 -34.46 37.62
C GLU B 9 -5.30 -34.50 36.25
N ARG B 10 -3.97 -34.45 36.27
CA ARG B 10 -3.16 -34.41 35.04
C ARG B 10 -3.24 -35.71 34.23
N THR B 11 -3.43 -36.84 34.91
CA THR B 11 -3.47 -38.15 34.28
C THR B 11 -4.78 -38.41 33.50
N ASP B 12 -5.75 -37.53 33.67
CA ASP B 12 -7.03 -37.61 32.94
C ASP B 12 -6.86 -37.27 31.46
N ILE B 13 -5.89 -36.42 31.15
CA ILE B 13 -5.65 -35.96 29.78
C ILE B 13 -4.36 -36.56 29.21
N THR B 14 -4.51 -37.30 28.10
CA THR B 14 -3.37 -37.84 27.37
C THR B 14 -2.96 -36.87 26.28
N MET B 15 -1.72 -36.39 26.37
CA MET B 15 -1.20 -35.37 25.45
C MET B 15 -0.81 -35.99 24.10
N LYS B 16 -1.46 -35.53 23.04
CA LYS B 16 -1.20 -36.01 21.68
C LYS B 16 -0.20 -35.09 20.97
N HIS B 17 -0.54 -34.66 19.75
CA HIS B 17 0.30 -33.78 18.95
C HIS B 17 0.32 -32.35 19.49
N LYS B 18 1.45 -31.68 19.33
CA LYS B 18 1.61 -30.30 19.79
C LYS B 18 0.85 -29.32 18.90
N GLU B 26 2.30 -22.28 24.07
CA GLU B 26 2.46 -23.66 24.53
C GLU B 26 1.12 -24.39 24.54
N VAL B 27 0.54 -24.55 23.36
CA VAL B 27 -0.76 -25.21 23.21
C VAL B 27 -0.61 -26.57 22.53
N TYR B 28 -1.21 -27.59 23.14
CA TYR B 28 -1.14 -28.96 22.63
C TYR B 28 -2.51 -29.61 22.53
N GLU B 29 -2.72 -30.39 21.49
CA GLU B 29 -3.92 -31.20 21.33
C GLU B 29 -3.88 -32.38 22.29
N GLY B 30 -4.95 -32.56 23.06
CA GLY B 30 -5.03 -33.63 24.04
C GLY B 30 -6.28 -34.47 23.90
N VAL B 31 -6.31 -35.61 24.60
CA VAL B 31 -7.47 -36.49 24.60
C VAL B 31 -7.91 -36.78 26.04
N TRP B 32 -9.15 -36.44 26.35
CA TRP B 32 -9.74 -36.76 27.64
C TRP B 32 -10.04 -38.25 27.68
N LYS B 33 -9.43 -38.95 28.62
CA LYS B 33 -9.55 -40.41 28.72
C LYS B 33 -10.93 -40.86 29.17
N LYS B 34 -11.49 -40.16 30.16
CA LYS B 34 -12.79 -40.53 30.75
C LYS B 34 -13.97 -40.28 29.83
N TYR B 35 -13.83 -39.34 28.89
CA TYR B 35 -14.92 -38.95 28.00
C TYR B 35 -14.63 -39.18 26.51
N SER B 36 -13.43 -39.68 26.21
CA SER B 36 -12.97 -39.95 24.84
C SER B 36 -12.83 -38.71 23.94
N LEU B 37 -13.37 -37.59 24.40
CA LEU B 37 -13.41 -36.34 23.62
C LEU B 37 -12.04 -35.69 23.48
N THR B 38 -11.80 -35.12 22.30
CA THR B 38 -10.58 -34.37 22.02
C THR B 38 -10.65 -32.99 22.67
N VAL B 39 -9.56 -32.60 23.33
CA VAL B 39 -9.47 -31.31 24.02
C VAL B 39 -8.21 -30.54 23.60
N ALA B 40 -8.20 -29.24 23.90
CA ALA B 40 -7.01 -28.41 23.71
C ALA B 40 -6.46 -28.00 25.07
N VAL B 41 -5.13 -28.10 25.21
CA VAL B 41 -4.47 -27.80 26.48
C VAL B 41 -3.39 -26.73 26.32
N LYS B 42 -3.55 -25.63 27.06
CA LYS B 42 -2.53 -24.59 27.15
C LYS B 42 -1.69 -24.86 28.40
N THR B 43 -0.37 -24.99 28.21
CA THR B 43 0.54 -25.34 29.31
C THR B 43 1.44 -24.17 29.71
N LEU B 44 2.01 -24.26 30.92
CA LEU B 44 2.96 -23.28 31.41
C LEU B 44 4.14 -23.97 32.09
N GLU B 50 5.26 -15.41 34.59
CA GLU B 50 3.99 -15.42 33.88
C GLU B 50 2.94 -16.30 34.57
N VAL B 51 3.23 -16.71 35.80
CA VAL B 51 2.34 -17.57 36.59
C VAL B 51 1.08 -16.83 37.02
N GLU B 52 1.24 -15.61 37.52
CA GLU B 52 0.12 -14.79 37.98
C GLU B 52 -0.84 -14.44 36.84
N GLU B 53 -0.28 -14.17 35.66
CA GLU B 53 -1.07 -13.88 34.47
C GLU B 53 -1.86 -15.10 33.98
N PHE B 54 -1.22 -16.26 34.04
CA PHE B 54 -1.84 -17.53 33.64
C PHE B 54 -3.03 -17.89 34.53
N LEU B 55 -2.88 -17.67 35.83
CA LEU B 55 -3.96 -17.91 36.80
C LEU B 55 -5.10 -16.91 36.63
N LYS B 56 -4.76 -15.69 36.24
CA LYS B 56 -5.72 -14.62 35.99
C LYS B 56 -6.58 -14.95 34.77
N GLU B 57 -5.94 -15.48 33.73
CA GLU B 57 -6.62 -15.88 32.50
C GLU B 57 -7.59 -17.04 32.73
N ALA B 58 -7.17 -18.00 33.54
CA ALA B 58 -7.99 -19.16 33.88
C ALA B 58 -9.24 -18.78 34.68
N ALA B 59 -9.09 -17.78 35.56
CA ALA B 59 -10.19 -17.29 36.40
C ALA B 59 -11.27 -16.57 35.59
N VAL B 60 -10.84 -15.84 34.56
CA VAL B 60 -11.75 -15.18 33.62
C VAL B 60 -12.58 -16.21 32.86
N MET B 61 -11.92 -17.27 32.39
CA MET B 61 -12.55 -18.30 31.59
C MET B 61 -13.59 -19.12 32.36
N LYS B 62 -13.48 -19.14 33.69
CA LYS B 62 -14.48 -19.76 34.56
C LYS B 62 -15.79 -18.97 34.57
N GLU B 63 -15.71 -17.70 34.20
CA GLU B 63 -16.87 -16.81 34.22
C GLU B 63 -17.52 -16.63 32.84
N ILE B 64 -16.84 -17.14 31.81
CA ILE B 64 -17.31 -16.99 30.42
C ILE B 64 -18.18 -18.16 30.00
N LYS B 65 -19.42 -17.86 29.61
CA LYS B 65 -20.36 -18.86 29.13
C LYS B 65 -21.14 -18.32 27.93
N HIS B 66 -20.66 -18.66 26.74
CA HIS B 66 -21.28 -18.24 25.48
C HIS B 66 -20.97 -19.24 24.38
N PRO B 67 -21.96 -19.56 23.52
CA PRO B 67 -21.79 -20.48 22.39
C PRO B 67 -20.64 -20.13 21.43
N ASN B 68 -20.32 -18.85 21.31
CA ASN B 68 -19.31 -18.39 20.35
C ASN B 68 -18.00 -17.92 21.01
N LEU B 69 -17.81 -18.30 22.26
CA LEU B 69 -16.53 -18.16 22.94
C LEU B 69 -16.05 -19.53 23.39
N VAL B 70 -14.76 -19.80 23.18
CA VAL B 70 -14.16 -21.11 23.50
C VAL B 70 -14.40 -21.45 24.98
N GLN B 71 -15.06 -22.58 25.21
CA GLN B 71 -15.47 -23.00 26.54
C GLN B 71 -14.36 -23.71 27.32
N LEU B 72 -14.17 -23.29 28.56
CA LEU B 72 -13.27 -23.96 29.49
C LEU B 72 -13.90 -25.25 29.99
N LEU B 73 -13.08 -26.30 30.08
CA LEU B 73 -13.54 -27.61 30.54
C LEU B 73 -12.92 -28.00 31.89
N GLY B 74 -11.70 -27.51 32.12
CA GLY B 74 -11.00 -27.76 33.38
C GLY B 74 -9.64 -27.08 33.46
N VAL B 75 -9.06 -27.09 34.66
CA VAL B 75 -7.72 -26.54 34.91
C VAL B 75 -6.91 -27.42 35.86
N CYS B 76 -5.59 -27.34 35.75
CA CYS B 76 -4.69 -27.97 36.70
C CYS B 76 -3.77 -26.91 37.28
N THR B 77 -4.23 -26.26 38.35
CA THR B 77 -3.50 -25.15 38.96
C THR B 77 -3.14 -25.44 40.41
N ARG B 78 -2.19 -26.36 40.60
CA ARG B 78 -1.70 -26.72 41.93
C ARG B 78 -0.20 -26.98 41.89
N GLU B 79 0.24 -27.81 40.95
CA GLU B 79 1.65 -28.13 40.76
C GLU B 79 2.05 -28.00 39.30
N PRO B 80 3.23 -27.39 39.02
CA PRO B 80 3.76 -27.26 37.66
C PRO B 80 3.96 -28.62 36.98
N PRO B 81 3.68 -28.71 35.66
CA PRO B 81 3.18 -27.63 34.80
C PRO B 81 1.70 -27.35 34.99
N PHE B 82 1.30 -26.10 34.70
CA PHE B 82 -0.09 -25.68 34.85
C PHE B 82 -0.87 -25.88 33.55
N TYR B 83 -2.05 -26.50 33.65
CA TYR B 83 -2.86 -26.86 32.50
C TYR B 83 -4.13 -26.01 32.38
N ILE B 84 -4.49 -25.68 31.15
CA ILE B 84 -5.76 -25.04 30.84
C ILE B 84 -6.48 -25.83 29.76
N ILE B 85 -7.53 -26.55 30.16
CA ILE B 85 -8.24 -27.46 29.26
C ILE B 85 -9.50 -26.83 28.69
N THR B 86 -9.56 -26.73 27.36
CA THR B 86 -10.70 -26.15 26.65
C THR B 86 -11.21 -27.11 25.58
N GLU B 87 -12.38 -26.79 25.02
CA GLU B 87 -12.95 -27.54 23.89
C GLU B 87 -12.06 -27.43 22.66
N PHE B 88 -12.16 -28.41 21.77
CA PHE B 88 -11.35 -28.47 20.57
C PHE B 88 -12.15 -28.03 19.35
N MET B 89 -11.55 -27.16 18.54
CA MET B 89 -12.15 -26.71 17.28
C MET B 89 -11.42 -27.37 16.11
N THR B 90 -12.09 -28.33 15.48
CA THR B 90 -11.45 -29.23 14.49
C THR B 90 -10.72 -28.54 13.34
N TYR B 91 -11.33 -27.49 12.79
CA TYR B 91 -10.80 -26.83 11.58
C TYR B 91 -9.74 -25.75 11.84
N GLY B 92 -9.35 -25.60 13.10
CA GLY B 92 -8.29 -24.66 13.46
C GLY B 92 -8.71 -23.21 13.40
N ASN B 93 -7.74 -22.32 13.15
CA ASN B 93 -8.00 -20.89 13.13
C ASN B 93 -8.72 -20.41 11.85
N LEU B 94 -9.51 -19.36 11.99
CA LEU B 94 -10.35 -18.84 10.90
C LEU B 94 -9.55 -18.30 9.72
N LEU B 95 -8.38 -17.70 9.99
CA LEU B 95 -7.55 -17.14 8.93
C LEU B 95 -7.10 -18.20 7.93
N ASP B 96 -6.53 -19.30 8.45
CA ASP B 96 -6.09 -20.42 7.63
C ASP B 96 -7.27 -21.15 6.98
N TYR B 97 -8.39 -21.20 7.70
CA TYR B 97 -9.61 -21.82 7.18
C TYR B 97 -10.12 -21.09 5.92
N LEU B 98 -10.20 -19.76 5.99
CA LEU B 98 -10.68 -18.94 4.86
C LEU B 98 -9.76 -19.02 3.64
N ARG B 99 -8.47 -19.14 3.88
CA ARG B 99 -7.46 -19.19 2.81
C ARG B 99 -7.48 -20.51 2.04
N GLU B 100 -7.95 -21.57 2.71
CA GLU B 100 -7.92 -22.92 2.15
C GLU B 100 -9.29 -23.45 1.76
N CYS B 101 -10.34 -22.78 2.23
CA CYS B 101 -11.73 -23.24 2.07
C CYS B 101 -12.21 -23.30 0.62
N ASN B 102 -13.24 -24.10 0.40
CA ASN B 102 -13.99 -24.11 -0.85
C ASN B 102 -15.01 -22.97 -0.79
N ARG B 103 -14.89 -22.02 -1.72
CA ARG B 103 -15.70 -20.80 -1.69
C ARG B 103 -17.13 -20.98 -2.22
N GLN B 104 -17.39 -22.14 -2.82
CA GLN B 104 -18.76 -22.55 -3.14
C GLN B 104 -19.46 -22.95 -1.85
N GLU B 105 -18.78 -23.75 -1.04
CA GLU B 105 -19.26 -24.12 0.29
C GLU B 105 -19.32 -22.91 1.22
N VAL B 106 -18.19 -22.21 1.35
CA VAL B 106 -18.10 -21.00 2.18
C VAL B 106 -18.51 -19.81 1.31
N SER B 107 -19.83 -19.64 1.20
CA SER B 107 -20.44 -18.64 0.31
C SER B 107 -20.70 -17.31 1.02
N ALA B 108 -21.35 -16.39 0.30
CA ALA B 108 -21.71 -15.08 0.82
C ALA B 108 -22.49 -15.14 2.13
N VAL B 109 -23.44 -16.08 2.22
CA VAL B 109 -24.25 -16.25 3.44
C VAL B 109 -23.43 -16.82 4.61
N VAL B 110 -22.46 -17.69 4.29
CA VAL B 110 -21.58 -18.26 5.31
C VAL B 110 -20.69 -17.17 5.93
N LEU B 111 -20.19 -16.25 5.09
CA LEU B 111 -19.41 -15.12 5.56
C LEU B 111 -20.20 -14.22 6.53
N LEU B 112 -21.47 -14.00 6.22
CA LEU B 112 -22.38 -13.24 7.09
C LEU B 112 -22.63 -13.98 8.39
N TYR B 113 -22.75 -15.31 8.28
CA TYR B 113 -23.00 -16.19 9.41
C TYR B 113 -21.85 -16.19 10.41
N MET B 114 -20.62 -16.19 9.90
CA MET B 114 -19.42 -16.14 10.73
C MET B 114 -19.30 -14.79 11.44
N ALA B 115 -19.62 -13.72 10.71
CA ALA B 115 -19.66 -12.36 11.25
C ALA B 115 -20.73 -12.20 12.33
N THR B 116 -21.88 -12.82 12.12
CA THR B 116 -22.98 -12.79 13.09
C THR B 116 -22.57 -13.51 14.38
N GLN B 117 -21.90 -14.65 14.24
CA GLN B 117 -21.40 -15.43 15.38
C GLN B 117 -20.36 -14.68 16.20
N ILE B 118 -19.39 -14.08 15.52
CA ILE B 118 -18.32 -13.34 16.19
C ILE B 118 -18.85 -12.11 16.91
N SER B 119 -19.73 -11.35 16.24
CA SER B 119 -20.34 -10.16 16.84
C SER B 119 -21.26 -10.51 18.00
N SER B 120 -21.86 -11.69 17.96
CA SER B 120 -22.65 -12.21 19.09
C SER B 120 -21.78 -12.42 20.32
N ALA B 121 -20.62 -13.05 20.12
CA ALA B 121 -19.65 -13.27 21.20
C ALA B 121 -19.16 -11.96 21.78
N MET B 122 -18.93 -10.97 20.91
CA MET B 122 -18.42 -9.66 21.31
C MET B 122 -19.48 -8.82 22.02
N GLU B 123 -20.74 -8.97 21.62
CA GLU B 123 -21.86 -8.33 22.31
C GLU B 123 -21.96 -8.83 23.75
N TYR B 124 -21.74 -10.13 23.94
CA TYR B 124 -21.71 -10.74 25.26
C TYR B 124 -20.59 -10.16 26.12
N LEU B 125 -19.39 -10.07 25.55
CA LEU B 125 -18.23 -9.47 26.23
C LEU B 125 -18.44 -7.99 26.53
N GLU B 126 -19.14 -7.30 25.63
CA GLU B 126 -19.52 -5.90 25.79
C GLU B 126 -20.39 -5.70 27.03
N LYS B 127 -21.40 -6.56 27.19
CA LYS B 127 -22.34 -6.47 28.31
C LYS B 127 -21.72 -6.88 29.64
N LYS B 128 -20.76 -7.81 29.59
CA LYS B 128 -20.12 -8.33 30.80
C LYS B 128 -18.92 -7.49 31.26
N ASN B 129 -18.73 -6.34 30.62
CA ASN B 129 -17.61 -5.43 30.90
C ASN B 129 -16.23 -6.07 30.73
N PHE B 130 -16.11 -6.87 29.67
CA PHE B 130 -14.83 -7.45 29.26
C PHE B 130 -14.38 -6.83 27.95
N ILE B 131 -13.07 -6.89 27.69
CA ILE B 131 -12.52 -6.50 26.40
C ILE B 131 -11.55 -7.58 25.89
N HIS B 132 -11.43 -7.68 24.58
CA HIS B 132 -10.63 -8.73 23.96
C HIS B 132 -9.17 -8.31 23.74
N ARG B 133 -8.97 -7.20 23.02
CA ARG B 133 -7.65 -6.63 22.74
C ARG B 133 -6.80 -7.32 21.67
N ASP B 134 -7.27 -8.47 21.18
CA ASP B 134 -6.55 -9.18 20.13
C ASP B 134 -7.52 -9.85 19.15
N LEU B 135 -8.52 -9.09 18.73
CA LEU B 135 -9.53 -9.59 17.80
C LEU B 135 -9.00 -9.58 16.36
N ALA B 136 -8.91 -10.77 15.78
CA ALA B 136 -8.43 -10.98 14.41
C ALA B 136 -8.87 -12.37 13.97
N ALA B 137 -8.76 -12.66 12.67
CA ALA B 137 -9.12 -13.97 12.13
C ALA B 137 -8.24 -15.10 12.69
N ARG B 138 -6.96 -14.80 12.93
CA ARG B 138 -6.02 -15.75 13.52
C ARG B 138 -6.42 -16.21 14.93
N ASN B 139 -7.20 -15.36 15.62
CA ASN B 139 -7.65 -15.64 16.97
C ASN B 139 -9.12 -16.05 17.05
N CYS B 140 -9.68 -16.41 15.88
CA CYS B 140 -10.99 -17.02 15.81
C CYS B 140 -10.83 -18.46 15.36
N LEU B 141 -11.63 -19.35 15.94
CA LEU B 141 -11.49 -20.78 15.67
C LEU B 141 -12.76 -21.37 15.04
N VAL B 142 -12.57 -22.36 14.17
CA VAL B 142 -13.67 -22.93 13.39
C VAL B 142 -13.93 -24.40 13.73
N GLY B 143 -15.20 -24.74 13.91
CA GLY B 143 -15.62 -26.12 14.11
C GLY B 143 -16.49 -26.63 12.98
N GLU B 144 -17.21 -27.72 13.22
CA GLU B 144 -18.10 -28.33 12.23
C GLU B 144 -19.27 -27.41 11.89
N ASN B 145 -19.77 -27.53 10.66
CA ASN B 145 -20.92 -26.75 10.16
C ASN B 145 -20.74 -25.24 10.30
N HIS B 146 -19.54 -24.76 9.98
CA HIS B 146 -19.18 -23.33 9.99
C HIS B 146 -19.38 -22.63 11.35
N LEU B 147 -19.27 -23.40 12.43
CA LEU B 147 -19.32 -22.84 13.78
C LEU B 147 -18.04 -22.06 14.05
N VAL B 148 -18.19 -20.81 14.51
CA VAL B 148 -17.04 -19.96 14.81
C VAL B 148 -17.04 -19.54 16.28
N LYS B 149 -15.89 -19.70 16.93
CA LYS B 149 -15.72 -19.27 18.30
C LYS B 149 -14.49 -18.38 18.44
N VAL B 150 -14.66 -17.29 19.18
CA VAL B 150 -13.59 -16.34 19.45
C VAL B 150 -12.71 -16.87 20.58
N ALA B 151 -11.40 -16.87 20.36
CA ALA B 151 -10.45 -17.25 21.40
C ALA B 151 -10.54 -16.28 22.56
N ASP B 152 -10.67 -16.82 23.77
CA ASP B 152 -10.89 -16.00 24.97
C ASP B 152 -9.88 -16.30 26.08
N PHE B 153 -8.63 -16.51 25.68
CA PHE B 153 -7.60 -16.94 26.61
C PHE B 153 -6.82 -15.77 27.23
N GLY B 154 -7.07 -14.56 26.74
CA GLY B 154 -6.39 -13.37 27.24
C GLY B 154 -7.27 -12.16 27.45
N LEU B 155 -8.52 -12.39 27.86
CA LEU B 155 -9.49 -11.32 28.08
C LEU B 155 -9.10 -10.42 29.26
N SER B 156 -9.49 -9.16 29.19
CA SER B 156 -9.23 -8.20 30.26
C SER B 156 -10.52 -7.68 30.89
N ARG B 157 -10.54 -7.64 32.22
CA ARG B 157 -11.69 -7.17 32.97
C ARG B 157 -11.59 -5.66 33.18
N LEU B 158 -12.73 -4.98 33.00
CA LEU B 158 -12.82 -3.56 33.31
C LEU B 158 -13.37 -3.39 34.73
N MET B 159 -12.48 -3.12 35.67
CA MET B 159 -12.84 -2.94 37.08
C MET B 159 -13.61 -1.64 37.30
N THR B 160 -13.09 -0.56 36.70
CA THR B 160 -13.76 0.74 36.69
C THR B 160 -13.69 1.34 35.28
N GLY B 161 -14.66 2.19 34.95
CA GLY B 161 -14.69 2.89 33.67
C GLY B 161 -14.87 1.96 32.47
N ASP B 162 -14.49 2.45 31.29
CA ASP B 162 -14.57 1.66 30.07
C ASP B 162 -13.26 1.62 29.29
N THR B 163 -12.22 2.19 29.87
CA THR B 163 -10.89 2.20 29.26
C THR B 163 -9.91 1.33 30.04
N PTR B 164 -9.07 0.59 29.31
CA PTR B 164 -8.06 -0.28 29.91
C PTR B 164 -6.68 0.01 29.30
O PTR B 164 -6.48 -0.13 28.09
CB PTR B 164 -8.49 -1.74 29.74
CG PTR B 164 -7.54 -2.77 30.34
CD1 PTR B 164 -7.89 -3.49 31.47
CD2 PTR B 164 -6.32 -3.05 29.73
CE1 PTR B 164 -7.03 -4.44 32.02
CE2 PTR B 164 -5.46 -4.00 30.27
CZ PTR B 164 -5.81 -4.69 31.40
OH PTR B 164 -4.99 -5.52 31.83
P PTR B 164 -5.28 -6.69 32.90
O1P PTR B 164 -5.35 -6.07 34.25
O2P PTR B 164 -4.12 -7.71 32.85
O3P PTR B 164 -6.59 -7.44 32.59
N THR B 165 -5.75 0.42 30.15
CA THR B 165 -4.39 0.74 29.73
C THR B 165 -3.52 -0.51 29.73
N ALA B 166 -2.88 -0.79 28.60
CA ALA B 166 -1.95 -1.90 28.47
C ALA B 166 -0.66 -1.63 29.26
N HIS B 167 0.08 -2.69 29.57
CA HIS B 167 1.33 -2.57 30.32
C HIS B 167 2.35 -1.71 29.58
N ALA B 168 3.15 -0.96 30.33
CA ALA B 168 4.14 -0.05 29.76
C ALA B 168 5.09 -0.77 28.80
N GLY B 169 5.19 -0.24 27.59
CA GLY B 169 6.07 -0.79 26.56
C GLY B 169 5.54 -2.03 25.83
N ALA B 170 4.23 -2.24 25.88
CA ALA B 170 3.61 -3.36 25.18
C ALA B 170 3.51 -3.12 23.68
N LYS B 171 3.69 -4.19 22.90
CA LYS B 171 3.63 -4.12 21.45
C LYS B 171 2.33 -4.69 20.91
N PHE B 172 1.76 -4.03 19.90
CA PHE B 172 0.47 -4.42 19.34
C PHE B 172 0.53 -4.60 17.82
N PRO B 173 -0.29 -5.53 17.28
CA PRO B 173 -0.42 -5.68 15.83
C PRO B 173 -1.05 -4.42 15.22
N ILE B 174 -0.20 -3.55 14.70
CA ILE B 174 -0.58 -2.20 14.27
C ILE B 174 -1.82 -2.13 13.36
N LYS B 175 -1.90 -3.05 12.39
CA LYS B 175 -2.96 -3.00 11.37
C LYS B 175 -4.35 -3.44 11.85
N TRP B 176 -4.42 -3.99 13.06
CA TRP B 176 -5.70 -4.34 13.70
C TRP B 176 -6.05 -3.39 14.84
N THR B 177 -5.11 -2.51 15.17
CA THR B 177 -5.19 -1.67 16.37
C THR B 177 -5.80 -0.29 16.08
N ALA B 178 -6.83 0.05 16.85
CA ALA B 178 -7.46 1.37 16.79
C ALA B 178 -6.44 2.49 17.04
N PRO B 179 -6.64 3.67 16.41
CA PRO B 179 -5.71 4.80 16.50
C PRO B 179 -5.40 5.25 17.92
N GLU B 180 -6.42 5.39 18.76
CA GLU B 180 -6.25 5.81 20.15
C GLU B 180 -5.45 4.78 20.98
N SER B 181 -5.51 3.52 20.54
CA SER B 181 -4.76 2.44 21.19
C SER B 181 -3.29 2.45 20.76
N LEU B 182 -3.04 2.86 19.50
CA LEU B 182 -1.68 3.03 18.99
C LEU B 182 -0.99 4.24 19.61
N ALA B 183 -1.78 5.28 19.88
CA ALA B 183 -1.26 6.56 20.36
C ALA B 183 -1.12 6.62 21.88
N TYR B 184 -2.02 5.96 22.60
CA TYR B 184 -2.09 6.11 24.06
C TYR B 184 -2.04 4.80 24.86
N ASN B 185 -1.87 3.68 24.17
CA ASN B 185 -1.89 2.34 24.79
C ASN B 185 -3.18 2.05 25.59
N LYS B 186 -4.26 2.72 25.20
CA LYS B 186 -5.54 2.60 25.89
C LYS B 186 -6.54 1.81 25.05
N PHE B 187 -7.17 0.83 25.69
CA PHE B 187 -8.06 -0.11 25.00
C PHE B 187 -9.46 -0.07 25.60
N SER B 188 -10.45 -0.30 24.75
CA SER B 188 -11.85 -0.30 25.16
C SER B 188 -12.62 -1.28 24.28
N ILE B 189 -13.93 -1.39 24.53
CA ILE B 189 -14.78 -2.18 23.65
C ILE B 189 -14.87 -1.51 22.26
N LYS B 190 -14.69 -0.20 22.22
CA LYS B 190 -14.71 0.54 20.96
C LYS B 190 -13.45 0.31 20.12
N SER B 191 -12.33 0.02 20.78
CA SER B 191 -11.13 -0.41 20.08
C SER B 191 -11.27 -1.85 19.55
N ASP B 192 -12.04 -2.67 20.28
CA ASP B 192 -12.42 -4.00 19.79
C ASP B 192 -13.32 -3.90 18.55
N VAL B 193 -14.23 -2.91 18.55
CA VAL B 193 -15.09 -2.62 17.41
C VAL B 193 -14.26 -2.29 16.16
N TRP B 194 -13.23 -1.47 16.32
CA TRP B 194 -12.28 -1.17 15.25
C TRP B 194 -11.64 -2.45 14.70
N ALA B 195 -11.14 -3.30 15.60
CA ALA B 195 -10.50 -4.56 15.22
C ALA B 195 -11.46 -5.51 14.50
N PHE B 196 -12.73 -5.49 14.93
CA PHE B 196 -13.77 -6.28 14.30
C PHE B 196 -13.98 -5.86 12.84
N GLY B 197 -13.89 -4.55 12.58
CA GLY B 197 -13.97 -4.00 11.23
C GLY B 197 -12.87 -4.55 10.32
N VAL B 198 -11.67 -4.69 10.88
CA VAL B 198 -10.53 -5.26 10.16
C VAL B 198 -10.74 -6.77 9.97
N LEU B 199 -11.27 -7.42 10.99
CA LEU B 199 -11.66 -8.83 10.92
C LEU B 199 -12.69 -9.07 9.82
N LEU B 200 -13.66 -8.15 9.68
CA LEU B 200 -14.64 -8.20 8.60
C LEU B 200 -13.97 -8.16 7.23
N TRP B 201 -12.93 -7.35 7.10
CA TRP B 201 -12.15 -7.23 5.88
C TRP B 201 -11.42 -8.54 5.56
N GLU B 202 -10.90 -9.19 6.61
CA GLU B 202 -10.25 -10.50 6.50
C GLU B 202 -11.22 -11.59 6.01
N ILE B 203 -12.44 -11.56 6.55
CA ILE B 203 -13.50 -12.48 6.13
C ILE B 203 -13.90 -12.25 4.68
N ALA B 204 -14.09 -10.97 4.32
CA ALA B 204 -14.52 -10.56 2.98
C ALA B 204 -13.52 -10.91 1.88
N THR B 205 -12.24 -10.93 2.22
CA THR B 205 -11.16 -11.20 1.26
C THR B 205 -10.68 -12.65 1.32
N TYR B 206 -11.34 -13.46 2.14
CA TYR B 206 -10.95 -14.86 2.39
C TYR B 206 -9.53 -15.00 2.96
N GLY B 207 -9.16 -14.08 3.83
CA GLY B 207 -7.91 -14.18 4.58
C GLY B 207 -6.70 -13.46 4.00
N MET B 208 -6.94 -12.38 3.26
CA MET B 208 -5.86 -11.51 2.81
C MET B 208 -5.34 -10.68 3.99
N SER B 209 -4.09 -10.23 3.88
CA SER B 209 -3.48 -9.35 4.89
C SER B 209 -3.97 -7.93 4.69
N PRO B 210 -4.39 -7.26 5.79
CA PRO B 210 -4.91 -5.89 5.70
C PRO B 210 -3.83 -4.88 5.32
N TYR B 211 -4.23 -3.80 4.67
CA TYR B 211 -3.33 -2.76 4.17
C TYR B 211 -2.12 -3.36 3.43
N PRO B 212 -2.38 -4.18 2.38
CA PRO B 212 -1.28 -4.85 1.69
C PRO B 212 -0.31 -3.85 1.05
N GLY B 213 0.98 -4.03 1.31
CA GLY B 213 2.02 -3.19 0.72
C GLY B 213 2.32 -1.92 1.49
N ILE B 214 1.51 -1.62 2.50
CA ILE B 214 1.67 -0.42 3.32
C ILE B 214 2.51 -0.75 4.56
N ASP B 215 3.50 0.09 4.83
CA ASP B 215 4.36 -0.08 6.00
C ASP B 215 3.66 0.41 7.26
N PRO B 216 3.67 -0.40 8.33
CA PRO B 216 3.09 -0.09 9.64
C PRO B 216 3.39 1.32 10.17
N SER B 217 4.54 1.89 9.78
CA SER B 217 4.93 3.23 10.23
C SER B 217 4.04 4.35 9.68
N GLN B 218 3.43 4.10 8.53
CA GLN B 218 2.55 5.10 7.90
C GLN B 218 1.08 4.93 8.28
N VAL B 219 0.74 3.76 8.83
CA VAL B 219 -0.64 3.42 9.17
C VAL B 219 -1.37 4.49 9.99
N TYR B 220 -0.78 4.88 11.13
CA TYR B 220 -1.42 5.89 12.00
C TYR B 220 -1.68 7.22 11.30
N GLU B 221 -0.68 7.72 10.58
CA GLU B 221 -0.82 9.00 9.88
C GLU B 221 -1.87 8.91 8.78
N LEU B 222 -1.82 7.83 8.00
CA LEU B 222 -2.84 7.57 6.97
C LEU B 222 -4.25 7.58 7.57
N LEU B 223 -4.44 6.87 8.68
CA LEU B 223 -5.74 6.82 9.36
C LEU B 223 -6.17 8.19 9.89
N GLU B 224 -5.21 8.94 10.43
CA GLU B 224 -5.43 10.32 10.87
C GLU B 224 -5.86 11.20 9.68
N LYS B 225 -5.22 10.98 8.53
CA LYS B 225 -5.54 11.71 7.30
C LYS B 225 -6.73 11.08 6.56
N ASP B 226 -7.56 10.34 7.28
CA ASP B 226 -8.82 9.74 6.80
C ASP B 226 -8.70 8.62 5.75
N TYR B 227 -7.51 8.03 5.63
CA TYR B 227 -7.33 6.86 4.76
C TYR B 227 -7.98 5.63 5.37
N ARG B 228 -8.77 4.93 4.57
CA ARG B 228 -9.38 3.65 4.97
C ARG B 228 -9.29 2.67 3.81
N MET B 229 -9.18 1.37 4.13
CA MET B 229 -9.16 0.33 3.11
C MET B 229 -10.39 0.38 2.22
N GLU B 230 -10.18 0.13 0.93
CA GLU B 230 -11.25 0.08 -0.06
C GLU B 230 -12.19 -1.10 0.19
N ARG B 231 -13.41 -1.00 -0.33
CA ARG B 231 -14.33 -2.12 -0.36
C ARG B 231 -13.73 -3.26 -1.16
N PRO B 232 -13.58 -4.45 -0.54
CA PRO B 232 -13.07 -5.63 -1.23
C PRO B 232 -14.00 -6.07 -2.36
N GLU B 233 -13.41 -6.74 -3.36
CA GLU B 233 -14.18 -7.31 -4.45
C GLU B 233 -15.20 -8.32 -3.93
N GLY B 234 -16.46 -8.14 -4.32
CA GLY B 234 -17.54 -9.05 -3.93
C GLY B 234 -18.19 -8.74 -2.60
N CYS B 235 -17.61 -7.79 -1.86
CA CYS B 235 -18.16 -7.39 -0.56
C CYS B 235 -19.39 -6.52 -0.75
N PRO B 236 -20.52 -6.90 -0.13
CA PRO B 236 -21.75 -6.11 -0.19
C PRO B 236 -21.54 -4.71 0.36
N GLU B 237 -22.22 -3.74 -0.24
CA GLU B 237 -22.12 -2.34 0.18
C GLU B 237 -22.51 -2.13 1.66
N LYS B 238 -23.55 -2.84 2.10
CA LYS B 238 -24.03 -2.73 3.48
C LYS B 238 -23.02 -3.29 4.49
N VAL B 239 -22.29 -4.32 4.10
CA VAL B 239 -21.21 -4.88 4.91
C VAL B 239 -20.05 -3.89 5.02
N TYR B 240 -19.67 -3.30 3.89
CA TYR B 240 -18.61 -2.30 3.85
C TYR B 240 -18.98 -1.00 4.60
N GLU B 241 -20.27 -0.64 4.56
CA GLU B 241 -20.79 0.46 5.36
C GLU B 241 -20.50 0.22 6.86
N LEU B 242 -20.71 -1.02 7.29
CA LEU B 242 -20.44 -1.40 8.68
C LEU B 242 -18.95 -1.38 9.03
N MET B 243 -18.11 -1.83 8.09
CA MET B 243 -16.65 -1.76 8.26
C MET B 243 -16.20 -0.34 8.52
N ARG B 244 -16.72 0.60 7.72
CA ARG B 244 -16.37 2.01 7.80
C ARG B 244 -16.89 2.66 9.08
N ALA B 245 -18.05 2.20 9.55
CA ALA B 245 -18.61 2.65 10.84
C ALA B 245 -17.70 2.21 11.98
N CYS B 246 -17.20 0.98 11.89
CA CYS B 246 -16.24 0.44 12.85
C CYS B 246 -14.93 1.22 12.84
N TRP B 247 -14.63 1.86 11.71
CA TRP B 247 -13.38 2.60 11.54
C TRP B 247 -13.52 4.12 11.71
N GLN B 248 -14.58 4.56 12.39
CA GLN B 248 -14.71 5.98 12.74
C GLN B 248 -13.55 6.40 13.63
N TRP B 249 -12.98 7.57 13.37
CA TRP B 249 -11.82 8.09 14.11
C TRP B 249 -12.12 8.23 15.61
N ASN B 250 -13.27 8.81 15.93
CA ASN B 250 -13.73 8.96 17.31
C ASN B 250 -14.41 7.67 17.75
N PRO B 251 -13.83 6.99 18.77
CA PRO B 251 -14.39 5.74 19.31
C PRO B 251 -15.89 5.79 19.63
N SER B 252 -16.37 6.94 20.11
CA SER B 252 -17.79 7.10 20.45
C SER B 252 -18.72 7.13 19.23
N ASP B 253 -18.16 7.41 18.06
CA ASP B 253 -18.92 7.40 16.80
C ASP B 253 -19.08 5.98 16.22
N ARG B 254 -18.25 5.06 16.69
CA ARG B 254 -18.33 3.65 16.28
C ARG B 254 -19.57 2.98 16.89
N PRO B 255 -20.17 2.01 16.17
CA PRO B 255 -21.35 1.34 16.71
C PRO B 255 -21.01 0.37 17.83
N SER B 256 -21.99 0.03 18.65
CA SER B 256 -21.83 -0.98 19.68
C SER B 256 -21.88 -2.36 19.03
N PHE B 257 -21.38 -3.37 19.74
CA PHE B 257 -21.46 -4.74 19.25
C PHE B 257 -22.89 -5.26 19.19
N ALA B 258 -23.76 -4.72 20.04
CA ALA B 258 -25.19 -5.00 19.98
C ALA B 258 -25.79 -4.54 18.65
N GLU B 259 -25.40 -3.34 18.21
CA GLU B 259 -25.86 -2.75 16.95
C GLU B 259 -25.30 -3.49 15.74
N ILE B 260 -24.01 -3.84 15.82
CA ILE B 260 -23.33 -4.62 14.79
C ILE B 260 -23.97 -6.00 14.63
N HIS B 261 -24.15 -6.70 15.76
CA HIS B 261 -24.77 -8.03 15.74
C HIS B 261 -26.19 -8.02 15.17
N GLN B 262 -26.97 -7.00 15.53
CA GLN B 262 -28.32 -6.84 15.01
C GLN B 262 -28.31 -6.67 13.49
N ALA B 263 -27.39 -5.85 12.99
CA ALA B 263 -27.27 -5.59 11.55
C ALA B 263 -26.91 -6.85 10.77
N PHE B 264 -25.93 -7.61 11.28
CA PHE B 264 -25.50 -8.86 10.64
C PHE B 264 -26.55 -9.97 10.73
N GLU B 265 -27.30 -9.97 11.83
CA GLU B 265 -28.41 -10.91 12.03
C GLU B 265 -29.49 -10.69 10.97
N THR B 266 -29.85 -9.43 10.74
CA THR B 266 -30.84 -9.07 9.73
C THR B 266 -30.38 -9.48 8.32
N MET B 267 -29.15 -9.13 7.96
CA MET B 267 -28.57 -9.51 6.67
C MET B 267 -28.50 -11.02 6.47
N PHE B 268 -28.07 -11.74 7.51
CA PHE B 268 -27.97 -13.20 7.47
C PHE B 268 -29.35 -13.84 7.26
N GLN B 269 -30.35 -13.34 7.99
CA GLN B 269 -31.71 -13.87 7.90
C GLN B 269 -32.40 -13.59 6.57
N GLU B 270 -32.03 -12.48 5.93
CA GLU B 270 -32.61 -12.11 4.63
C GLU B 270 -31.88 -12.77 3.45
N SER B 271 -30.74 -13.39 3.74
CA SER B 271 -29.84 -13.91 2.70
C SER B 271 -30.25 -15.28 2.15
N SER B 272 -30.08 -15.44 0.84
CA SER B 272 -30.22 -16.75 0.20
C SER B 272 -28.97 -17.59 0.45
N ILE B 273 -29.11 -18.90 0.28
CA ILE B 273 -28.01 -19.83 0.54
C ILE B 273 -27.22 -20.18 -0.73
N SER B 274 -27.43 -19.41 -1.80
CA SER B 274 -26.78 -19.62 -3.09
C SER B 274 -25.26 -19.77 -2.99
N ASP B 275 -24.71 -20.75 -3.71
CA ASP B 275 -23.28 -21.01 -3.72
C ASP B 275 -22.50 -20.16 -4.75
N GLU B 276 -23.23 -19.34 -5.50
CA GLU B 276 -22.64 -18.47 -6.52
C GLU B 276 -22.30 -17.10 -5.95
O1 SX7 C . 13.39 0.88 -21.27
C7 SX7 C . 14.89 7.04 -27.61
C6 SX7 C . 14.05 6.07 -27.09
C1 SX7 C . 11.73 8.33 -29.84
N1 SX7 C . 11.73 6.51 -28.12
C5 SX7 C . 12.57 6.16 -27.09
C4 SX7 C . 11.76 5.88 -26.00
C3 SX7 C . 10.46 6.09 -26.48
C2 SX7 C . 12.07 6.89 -29.48
C19 SX7 C . 13.37 0.12 -22.23
N6 SX7 C . 12.40 -0.86 -22.44
C21 SX7 C . 11.83 -1.19 -23.74
C20 SX7 C . 11.61 -1.30 -21.29
C17 SX7 C . 14.48 0.27 -23.21
C16 SX7 C . 15.39 -0.77 -23.44
N5 SX7 C . 15.31 -2.01 -22.78
C15 SX7 C . 16.41 -0.57 -24.38
C14 SX7 C . 16.54 0.66 -25.06
C18 SX7 C . 14.60 1.51 -23.89
C13 SX7 C . 15.62 1.72 -24.84
C10 SX7 C . 15.76 3.00 -25.54
C9 SX7 C . 17.01 3.54 -25.85
N4 SX7 C . 17.29 4.71 -26.47
C11 SX7 C . 14.64 3.79 -25.90
C12 SX7 C . 14.86 5.03 -26.55
C8 SX7 C . 16.18 5.39 -26.79
N3 SX7 C . 16.18 6.60 -27.43
N2 SX7 C . 10.43 6.47 -27.75
C7 SX7 D . -8.33 -24.00 21.77
C6 SX7 D . -7.20 -23.68 21.05
N1 SX7 D . -5.49 -22.70 22.72
C5 SX7 D . -6.11 -22.78 21.49
C4 SX7 D . -5.49 -21.83 20.70
C3 SX7 D . -4.53 -21.24 21.53
C2 SX7 D . -5.75 -23.46 23.94
C17 SX7 D . -5.18 -26.67 14.47
C16 SX7 D . -4.53 -25.54 13.94
N5 SX7 D . -3.74 -25.58 12.78
C15 SX7 D . -4.66 -24.32 14.63
C14 SX7 D . -5.43 -24.24 15.79
C18 SX7 D . -5.95 -26.58 15.64
C13 SX7 D . -6.10 -25.37 16.33
C10 SX7 D . -6.90 -25.25 17.56
C9 SX7 D . -8.13 -25.91 17.73
N4 SX7 D . -8.94 -25.87 18.82
C11 SX7 D . -6.48 -24.44 18.64
C12 SX7 D . -7.28 -24.35 19.80
C8 SX7 D . -8.47 -25.07 19.80
N3 SX7 D . -9.09 -24.86 21.00
N2 SX7 D . -4.52 -21.75 22.77
#